data_4UX3
#
_entry.id   4UX3
#
_cell.length_a   73.151
_cell.length_b   94.801
_cell.length_c   284.768
_cell.angle_alpha   90.00
_cell.angle_beta   90.00
_cell.angle_gamma   90.00
#
_symmetry.space_group_name_H-M   'I 2 2 2'
#
loop_
_entity.id
_entity.type
_entity.pdbx_description
1 polymer 'STRUCTURAL MAINTENANCE OF CHROMOSOMES PROTEIN 3'
2 polymer 'MITOTIC CHROMOSOME DETERMINANT-RELATED PROTEIN'
3 non-polymer 'MAGNESIUM ION'
4 non-polymer 'PHOSPHOTHIOPHOSPHORIC ACID-ADENYLATE ESTER'
#
loop_
_entity_poly.entity_id
_entity_poly.type
_entity_poly.pdbx_seq_one_letter_code
_entity_poly.pdbx_strand_id
1 'polypeptide(L)'
;MAYIKRVIIKGFKTYRNETIIDNFSPHQNVIIGSNGSGKSNFFAAIRFVLSDDYSNLKREERQGLIHQGSGGSVMSASVE
IVFHDPDHSMILPSGVLSRGDDEVTIRRTVGLKKDDYQLNDRNVTKGDIVRMLETAGFSMNNPYNIVPQGKIVALTNAKD
KERLQLLEDVVGAKSFEVKLKASLKKMEETEQKKIQINKEMGELNSKLSEMEQERKELEKYNELERNRKIYQFTLYDREL
NEVINQMERLDGDYNNTVYSSESSKHPTSLVPRGSDITSDQLLQRLNDMNTEISGLKNVNKRAFENFKKFNERRKDLAER
ASELDESKDSIQDLIVKLKQQKVNAVDSTFQKVSENFEAVFERLVPRGTAKLIIHRKNDNANDHDESIDVDMDAESNESQ
NGKDSEIMYTGVSISVSFNSKQNEQLHVEQLSGGQKTVCAIALILAIQMVDPASFYLFDEIDAALDKQYRTAVATLLKEL
SKNAQFICTTFRTDMLQVADKFFRVKYENKISTVIEVNREEAIGFIRGSNKFAEVWSHPQFEK
;
A
2 'polypeptide(L)'
;MVTENPQRLTVLRLATNKGPLAQIWLASNMSNIPRGSVIQTHIAESAKEIAKASGCDDESGDNEYITLRTSGELLQGIVR
VYSKQATFLLTDIKDTLTKISMLFKTSQKMTSTVNHHHHHH
;
B
#
# COMPACT_ATOMS: atom_id res chain seq x y z
N TYR A 3 -28.69 -6.26 -10.36
CA TYR A 3 -28.37 -7.17 -9.21
C TYR A 3 -27.74 -6.41 -8.02
N ILE A 4 -28.42 -5.34 -7.59
CA ILE A 4 -28.44 -4.95 -6.17
C ILE A 4 -29.56 -5.83 -5.59
N LYS A 5 -29.63 -5.99 -4.27
CA LYS A 5 -30.80 -6.64 -3.71
C LYS A 5 -31.65 -5.61 -2.93
N ARG A 6 -32.10 -5.95 -1.72
CA ARG A 6 -33.02 -5.07 -0.99
C ARG A 6 -32.33 -3.93 -0.23
N VAL A 7 -33.12 -2.94 0.19
CA VAL A 7 -32.67 -1.85 1.06
C VAL A 7 -33.83 -1.34 1.92
N ILE A 8 -33.57 -1.19 3.21
CA ILE A 8 -34.51 -0.54 4.13
C ILE A 8 -33.71 0.00 5.31
N ILE A 9 -34.21 1.06 5.93
CA ILE A 9 -33.42 1.72 6.96
C ILE A 9 -34.12 1.66 8.31
N LYS A 10 -33.37 1.97 9.35
CA LYS A 10 -33.93 2.27 10.66
C LYS A 10 -33.05 3.35 11.31
N GLY A 11 -33.66 4.46 11.66
CA GLY A 11 -32.96 5.53 12.37
C GLY A 11 -31.71 6.10 11.71
N PHE A 12 -31.76 6.40 10.43
CA PHE A 12 -30.61 7.03 9.78
C PHE A 12 -30.91 8.39 9.19
N LYS A 13 -30.23 9.41 9.70
CA LYS A 13 -30.50 10.76 9.28
C LYS A 13 -31.99 11.03 9.22
N THR A 14 -32.43 11.82 8.26
CA THR A 14 -33.83 12.25 8.21
C THR A 14 -34.81 11.07 8.12
N TYR A 15 -34.28 9.93 7.71
CA TYR A 15 -35.02 8.69 7.78
C TYR A 15 -35.11 8.25 9.23
N ARG A 16 -36.15 8.75 9.90
CA ARG A 16 -36.36 8.60 11.34
C ARG A 16 -36.57 7.16 11.78
N ASN A 17 -37.75 6.60 11.53
CA ASN A 17 -38.02 5.23 11.91
C ASN A 17 -37.67 4.27 10.78
N GLU A 18 -38.69 3.70 10.15
CA GLU A 18 -38.51 2.63 9.19
C GLU A 18 -38.79 3.10 7.76
N THR A 19 -37.87 2.83 6.83
CA THR A 19 -38.20 2.93 5.40
C THR A 19 -38.06 1.60 4.65
N ILE A 20 -38.97 0.67 4.95
CA ILE A 20 -39.16 -0.53 4.16
C ILE A 20 -39.90 -0.14 2.89
N ILE A 21 -39.21 0.60 2.02
CA ILE A 21 -39.88 1.16 0.85
C ILE A 21 -39.05 0.98 -0.41
N ASP A 22 -38.48 -0.22 -0.58
CA ASP A 22 -37.56 -0.47 -1.68
C ASP A 22 -37.51 -1.92 -2.20
N ASN A 23 -37.65 -2.08 -3.52
CA ASN A 23 -37.26 -3.31 -4.23
C ASN A 23 -35.71 -3.35 -4.29
N PHE A 24 -34.98 -3.23 -5.43
CA PHE A 24 -35.34 -3.36 -6.86
C PHE A 24 -34.08 -3.83 -7.63
N SER A 25 -34.22 -4.06 -8.94
CA SER A 25 -33.25 -4.82 -9.76
C SER A 25 -32.23 -3.98 -10.55
N PRO A 26 -31.37 -4.62 -11.39
CA PRO A 26 -30.29 -3.95 -12.11
C PRO A 26 -30.73 -2.79 -12.97
N HIS A 27 -29.74 -1.99 -13.37
CA HIS A 27 -29.89 -0.96 -14.37
C HIS A 27 -30.28 0.41 -13.81
N GLN A 28 -31.19 1.07 -14.51
CA GLN A 28 -31.39 2.52 -14.43
C GLN A 28 -32.45 2.98 -13.39
N ASN A 29 -32.20 2.69 -12.11
CA ASN A 29 -33.09 3.15 -11.04
C ASN A 29 -32.86 4.62 -10.72
N VAL A 30 -33.91 5.43 -10.76
CA VAL A 30 -33.78 6.88 -10.54
C VAL A 30 -34.53 7.44 -9.32
N ILE A 31 -33.91 8.40 -8.62
CA ILE A 31 -34.51 8.91 -7.39
C ILE A 31 -34.66 10.41 -7.40
N ILE A 32 -35.76 10.86 -6.77
CA ILE A 32 -36.01 12.28 -6.57
C ILE A 32 -36.80 12.60 -5.29
N GLY A 33 -37.45 13.76 -5.27
CA GLY A 33 -38.12 14.29 -4.09
C GLY A 33 -37.74 15.75 -3.85
N SER A 34 -38.23 16.32 -2.76
CA SER A 34 -38.00 17.73 -2.42
C SER A 34 -36.54 18.06 -2.12
N ASN A 35 -36.22 19.36 -2.06
CA ASN A 35 -34.87 19.84 -1.70
C ASN A 35 -34.53 19.52 -0.25
N GLY A 36 -33.43 18.83 -0.05
CA GLY A 36 -33.06 18.42 1.30
C GLY A 36 -34.18 17.63 1.94
N SER A 37 -34.70 16.67 1.19
CA SER A 37 -35.65 15.72 1.73
C SER A 37 -34.85 14.55 2.29
N GLY A 38 -33.67 14.35 1.73
CA GLY A 38 -32.80 13.32 2.21
C GLY A 38 -32.26 12.51 1.06
N LYS A 39 -32.44 13.03 -0.16
CA LYS A 39 -31.97 12.30 -1.33
C LYS A 39 -30.49 12.01 -1.15
N SER A 40 -29.73 13.08 -0.94
CA SER A 40 -28.31 12.94 -0.86
C SER A 40 -28.00 12.15 0.41
N ASN A 41 -28.71 12.45 1.50
CA ASN A 41 -28.64 11.60 2.69
C ASN A 41 -28.84 10.13 2.39
N PHE A 42 -29.74 9.84 1.46
CA PHE A 42 -29.99 8.48 1.09
C PHE A 42 -28.76 7.81 0.51
N PHE A 43 -28.13 8.43 -0.49
CA PHE A 43 -26.90 7.86 -1.04
C PHE A 43 -25.84 7.79 0.03
N ALA A 44 -25.91 8.72 0.97
CA ALA A 44 -25.02 8.64 2.10
C ALA A 44 -25.26 7.28 2.69
N ALA A 45 -26.54 6.99 2.93
CA ALA A 45 -26.95 5.68 3.40
C ALA A 45 -26.18 4.61 2.65
N ILE A 46 -26.12 4.79 1.35
CA ILE A 46 -25.57 3.76 0.48
C ILE A 46 -24.09 3.46 0.69
N ARG A 47 -23.23 4.45 0.40
CA ARG A 47 -21.78 4.27 0.48
C ARG A 47 -21.42 4.13 1.90
N PHE A 48 -22.37 4.56 2.73
CA PHE A 48 -22.26 4.40 4.15
C PHE A 48 -21.82 2.99 4.38
N VAL A 49 -22.63 2.05 3.89
CA VAL A 49 -22.30 0.66 4.03
C VAL A 49 -21.25 0.22 3.02
N LEU A 50 -21.54 0.40 1.73
CA LEU A 50 -20.67 -0.12 0.69
C LEU A 50 -19.23 0.32 0.87
N SER A 51 -19.03 1.60 1.20
CA SER A 51 -17.67 2.10 1.18
C SER A 51 -17.20 2.76 2.47
N ASP A 52 -15.93 2.48 2.77
CA ASP A 52 -15.27 2.90 4.01
C ASP A 52 -15.05 4.40 4.16
N ASP A 53 -16.03 5.18 3.74
CA ASP A 53 -15.95 6.62 3.89
C ASP A 53 -16.39 6.96 5.30
N TYR A 54 -17.05 5.99 5.93
CA TYR A 54 -17.50 6.09 7.29
C TYR A 54 -16.77 5.00 8.07
N SER A 55 -15.57 5.34 8.54
CA SER A 55 -14.70 4.36 9.18
C SER A 55 -14.30 4.75 10.60
N ASN A 56 -13.27 5.58 10.75
CA ASN A 56 -12.66 5.84 12.06
C ASN A 56 -13.20 7.01 12.88
N LEU A 57 -13.19 8.20 12.29
CA LEU A 57 -13.57 9.46 12.97
C LEU A 57 -14.63 9.29 14.07
N LYS A 58 -14.39 9.95 15.21
CA LYS A 58 -15.14 9.69 16.46
C LYS A 58 -16.35 10.60 16.77
N ARG A 59 -16.53 10.92 18.07
CA ARG A 59 -17.78 11.45 18.66
C ARG A 59 -18.78 12.23 17.79
N GLU A 60 -18.52 13.53 17.56
CA GLU A 60 -19.48 14.39 16.85
C GLU A 60 -19.69 14.02 15.37
N GLU A 61 -18.76 13.23 14.82
CA GLU A 61 -18.90 12.70 13.46
C GLU A 61 -19.83 11.48 13.51
N ARG A 62 -19.41 10.49 14.28
CA ARG A 62 -20.14 9.25 14.49
C ARG A 62 -21.57 9.43 15.02
N GLN A 63 -21.79 10.44 15.86
CA GLN A 63 -23.12 10.75 16.38
C GLN A 63 -23.99 11.24 15.25
N GLY A 64 -23.57 12.34 14.62
CA GLY A 64 -24.27 12.94 13.51
C GLY A 64 -25.08 11.93 12.74
N LEU A 65 -24.42 10.89 12.24
CA LEU A 65 -25.03 9.86 11.37
C LEU A 65 -26.33 9.26 11.87
N ILE A 66 -26.35 8.95 13.16
CA ILE A 66 -27.41 8.22 13.83
C ILE A 66 -28.81 8.86 13.79
N HIS A 67 -28.92 10.08 13.26
CA HIS A 67 -30.16 10.82 13.33
C HIS A 67 -30.28 11.43 14.71
N GLN A 68 -29.97 12.71 14.81
CA GLN A 68 -30.13 13.37 16.08
C GLN A 68 -31.38 14.24 16.04
N GLY A 69 -32.52 13.59 16.25
CA GLY A 69 -33.82 14.28 16.25
C GLY A 69 -34.41 14.36 17.64
N SER A 70 -33.97 15.37 18.40
CA SER A 70 -34.28 15.51 19.83
C SER A 70 -33.86 14.28 20.64
N GLY A 71 -32.68 13.75 20.33
CA GLY A 71 -32.16 12.57 21.01
C GLY A 71 -32.86 11.28 20.59
N GLY A 72 -33.92 10.95 21.32
CA GLY A 72 -34.67 9.72 21.09
C GLY A 72 -33.78 8.53 21.37
N SER A 73 -34.01 7.42 20.66
CA SER A 73 -33.07 6.31 20.71
C SER A 73 -31.86 6.70 19.87
N VAL A 74 -30.92 7.36 20.53
CA VAL A 74 -29.68 7.82 19.91
C VAL A 74 -28.84 6.59 19.61
N MET A 75 -29.18 5.49 20.27
CA MET A 75 -28.40 4.29 20.20
C MET A 75 -28.66 3.43 18.95
N SER A 76 -29.76 3.68 18.24
CA SER A 76 -30.22 2.76 17.19
C SER A 76 -30.25 3.37 15.78
N ALA A 77 -29.29 2.99 14.93
CA ALA A 77 -29.23 3.46 13.54
C ALA A 77 -28.83 2.36 12.55
N SER A 78 -29.83 1.63 12.05
CA SER A 78 -29.62 0.41 11.26
C SER A 78 -29.93 0.57 9.77
N VAL A 79 -29.18 -0.14 8.92
CA VAL A 79 -29.26 0.02 7.45
C VAL A 79 -29.17 -1.31 6.67
N GLU A 80 -30.20 -1.60 5.89
CA GLU A 80 -30.27 -2.90 5.23
C GLU A 80 -30.05 -2.84 3.72
N ILE A 81 -29.01 -3.53 3.29
CA ILE A 81 -28.74 -3.82 1.88
C ILE A 81 -28.41 -5.31 1.76
N VAL A 82 -28.64 -5.94 0.61
CA VAL A 82 -28.14 -7.32 0.42
C VAL A 82 -27.36 -7.47 -0.90
N ILE A 106 -27.08 -7.28 4.00
CA ILE A 106 -26.05 -6.52 4.70
C ILE A 106 -26.69 -5.49 5.63
N ARG A 107 -26.46 -5.65 6.92
CA ARG A 107 -26.98 -4.76 7.92
C ARG A 107 -25.82 -4.08 8.66
N ARG A 108 -25.93 -2.77 8.85
CA ARG A 108 -24.96 -2.05 9.65
C ARG A 108 -25.67 -1.15 10.65
N THR A 109 -25.87 -1.68 11.85
CA THR A 109 -26.41 -0.88 12.93
C THR A 109 -25.25 -0.10 13.55
N VAL A 110 -25.58 1.03 14.16
CA VAL A 110 -24.65 1.71 15.05
C VAL A 110 -25.38 2.33 16.24
N GLY A 111 -24.71 2.27 17.38
CA GLY A 111 -25.17 2.89 18.61
C GLY A 111 -24.06 3.74 19.18
N LEU A 112 -24.36 4.42 20.27
CA LEU A 112 -23.42 5.34 20.92
C LEU A 112 -22.13 4.64 21.38
N LYS A 113 -21.11 4.71 20.52
CA LYS A 113 -19.76 4.20 20.81
C LYS A 113 -19.48 2.83 20.21
N LYS A 114 -18.78 2.82 19.06
CA LYS A 114 -18.31 1.62 18.40
C LYS A 114 -19.26 0.44 18.59
N ASP A 115 -20.49 0.63 18.14
CA ASP A 115 -21.39 -0.49 17.98
C ASP A 115 -21.45 -0.70 16.49
N ASP A 116 -20.71 -1.72 16.05
CA ASP A 116 -20.28 -1.87 14.67
C ASP A 116 -21.27 -2.63 13.79
N TYR A 117 -20.77 -3.15 12.68
CA TYR A 117 -21.54 -3.93 11.72
C TYR A 117 -22.36 -5.06 12.37
N GLN A 118 -23.64 -5.15 12.00
CA GLN A 118 -24.45 -6.33 12.28
C GLN A 118 -24.47 -7.15 10.98
N LEU A 119 -23.29 -7.62 10.59
CA LEU A 119 -22.99 -7.95 9.19
C LEU A 119 -23.68 -9.15 8.54
N ASN A 120 -24.70 -8.80 7.74
CA ASN A 120 -25.46 -9.74 6.93
C ASN A 120 -26.03 -10.87 7.75
N ASP A 121 -27.05 -10.55 8.56
CA ASP A 121 -27.76 -11.48 9.47
C ASP A 121 -26.86 -12.42 10.28
N ARG A 122 -26.06 -13.25 9.59
CA ARG A 122 -24.99 -14.02 10.22
C ARG A 122 -24.23 -13.13 11.20
N ASN A 123 -23.34 -12.27 10.68
CA ASN A 123 -22.55 -11.35 11.52
C ASN A 123 -21.03 -11.60 11.41
N VAL A 124 -20.33 -10.69 10.73
CA VAL A 124 -18.87 -10.84 10.53
C VAL A 124 -18.03 -9.66 11.08
N THR A 125 -17.25 -9.01 10.20
CA THR A 125 -16.33 -7.90 10.58
C THR A 125 -16.17 -6.90 9.41
N LYS A 126 -15.48 -5.80 9.68
CA LYS A 126 -15.07 -4.84 8.64
C LYS A 126 -13.99 -5.45 7.76
N GLY A 127 -12.86 -5.81 8.38
CA GLY A 127 -11.75 -6.42 7.69
C GLY A 127 -12.17 -7.56 6.80
N ASP A 128 -13.37 -8.10 7.07
CA ASP A 128 -13.90 -9.26 6.36
C ASP A 128 -14.35 -8.98 4.92
N ILE A 129 -15.24 -8.02 4.74
CA ILE A 129 -15.68 -7.67 3.39
C ILE A 129 -14.74 -6.64 2.74
N VAL A 130 -13.77 -6.17 3.54
CA VAL A 130 -12.59 -5.48 2.98
C VAL A 130 -12.06 -6.41 1.89
N ARG A 131 -11.88 -7.68 2.25
CA ARG A 131 -11.43 -8.71 1.32
C ARG A 131 -12.48 -9.00 0.24
N MET A 132 -13.75 -9.04 0.64
CA MET A 132 -14.84 -9.49 -0.24
C MET A 132 -15.14 -8.55 -1.40
N LEU A 133 -15.06 -7.25 -1.16
CA LEU A 133 -15.31 -6.27 -2.21
C LEU A 133 -14.23 -6.27 -3.29
N GLU A 134 -13.00 -6.57 -2.91
CA GLU A 134 -11.90 -6.68 -3.87
C GLU A 134 -12.08 -7.92 -4.74
N THR A 135 -12.53 -9.00 -4.10
CA THR A 135 -12.89 -10.26 -4.77
C THR A 135 -14.30 -10.24 -5.38
N ALA A 136 -15.01 -9.11 -5.23
CA ALA A 136 -16.28 -8.91 -5.92
C ALA A 136 -15.97 -8.52 -7.37
N GLY A 137 -15.77 -7.25 -7.70
CA GLY A 137 -15.90 -6.12 -6.80
C GLY A 137 -16.84 -5.09 -7.41
N PHE A 138 -16.37 -3.84 -7.56
CA PHE A 138 -15.09 -3.38 -7.02
C PHE A 138 -15.29 -2.98 -5.56
N SER A 139 -14.31 -2.25 -5.06
CA SER A 139 -14.16 -2.02 -3.64
C SER A 139 -14.36 -0.60 -3.21
N MET A 140 -14.11 -0.41 -1.93
CA MET A 140 -13.56 0.81 -1.39
C MET A 140 -12.75 1.45 -2.50
N ASN A 141 -11.83 0.66 -3.06
CA ASN A 141 -10.97 0.97 -4.20
C ASN A 141 -11.45 1.72 -5.42
N ASN A 142 -12.68 1.52 -5.87
CA ASN A 142 -13.16 2.40 -6.92
C ASN A 142 -13.57 3.78 -6.37
N PRO A 143 -12.77 4.81 -6.68
CA PRO A 143 -13.00 6.16 -6.21
C PRO A 143 -13.97 6.96 -7.08
N TYR A 144 -14.35 6.40 -8.22
CA TYR A 144 -15.31 7.03 -9.10
C TYR A 144 -16.62 6.24 -9.12
N ASN A 145 -16.65 5.24 -8.24
CA ASN A 145 -17.82 4.47 -7.91
C ASN A 145 -18.97 5.37 -7.52
N ILE A 146 -18.60 6.55 -7.07
CA ILE A 146 -19.55 7.63 -6.87
C ILE A 146 -19.01 8.95 -7.38
N VAL A 147 -19.94 9.88 -7.37
CA VAL A 147 -19.83 11.06 -8.13
C VAL A 147 -20.98 11.89 -7.62
N PRO A 148 -20.71 12.68 -6.55
CA PRO A 148 -21.55 13.90 -6.59
C PRO A 148 -20.68 15.16 -7.30
N GLN A 149 -20.68 16.35 -6.70
CA GLN A 149 -21.38 16.61 -5.49
C GLN A 149 -22.24 17.69 -5.90
N GLY A 150 -22.06 18.02 -7.18
CA GLY A 150 -21.79 19.41 -7.57
C GLY A 150 -20.30 19.60 -7.21
N LYS A 151 -19.49 19.04 -8.10
CA LYS A 151 -18.16 18.52 -7.84
C LYS A 151 -17.89 18.47 -9.28
N ILE A 152 -18.98 18.56 -9.98
CA ILE A 152 -18.81 18.17 -11.30
C ILE A 152 -18.52 19.48 -12.06
N VAL A 153 -19.42 20.43 -11.81
CA VAL A 153 -19.05 21.77 -11.28
C VAL A 153 -17.61 21.93 -10.76
N ALA A 154 -17.40 22.08 -9.47
CA ALA A 154 -16.07 22.08 -8.95
C ALA A 154 -14.94 21.56 -9.81
N LEU A 155 -15.18 21.15 -11.01
CA LEU A 155 -14.15 20.41 -11.66
C LEU A 155 -13.98 21.02 -12.95
N THR A 156 -15.04 21.71 -13.39
CA THR A 156 -14.90 22.86 -14.29
C THR A 156 -13.74 23.59 -13.67
N ASN A 157 -14.02 24.07 -12.43
CA ASN A 157 -13.09 24.82 -11.56
C ASN A 157 -11.71 24.16 -11.66
N ALA A 158 -11.73 22.82 -11.55
CA ALA A 158 -10.53 21.99 -11.54
C ALA A 158 -9.50 22.28 -12.63
N LYS A 159 -8.26 22.51 -12.23
CA LYS A 159 -7.19 22.94 -13.14
C LYS A 159 -6.11 21.91 -13.43
N ASP A 160 -5.49 22.04 -14.60
CA ASP A 160 -4.47 21.12 -15.15
C ASP A 160 -3.91 20.01 -14.23
N LYS A 161 -3.26 20.41 -13.13
CA LYS A 161 -2.63 19.44 -12.22
C LYS A 161 -3.64 18.51 -11.56
N GLU A 162 -4.80 19.06 -11.23
CA GLU A 162 -5.88 18.32 -10.58
C GLU A 162 -6.30 17.17 -11.48
N ARG A 163 -6.26 17.43 -12.78
CA ARG A 163 -6.57 16.41 -13.76
C ARG A 163 -5.61 15.22 -13.59
N LEU A 164 -4.30 15.51 -13.54
CA LEU A 164 -3.32 14.45 -13.32
C LEU A 164 -3.83 13.64 -12.19
N GLN A 165 -3.98 14.30 -11.05
CA GLN A 165 -4.46 13.66 -9.86
C GLN A 165 -5.59 12.73 -10.23
N LEU A 166 -6.69 13.30 -10.69
CA LEU A 166 -7.82 12.47 -11.02
C LEU A 166 -7.37 11.13 -11.56
N LEU A 167 -6.52 11.16 -12.58
CA LEU A 167 -5.99 9.95 -13.22
C LEU A 167 -5.25 9.04 -12.26
N GLU A 168 -4.21 9.57 -11.64
CA GLU A 168 -3.43 8.84 -10.65
C GLU A 168 -4.35 8.07 -9.72
N ASP A 169 -5.31 8.78 -9.18
CA ASP A 169 -6.09 8.26 -8.09
C ASP A 169 -7.02 7.17 -8.53
N VAL A 170 -7.01 6.84 -9.82
CA VAL A 170 -7.73 5.67 -10.26
C VAL A 170 -6.79 4.47 -10.25
N VAL A 171 -5.60 4.67 -10.81
CA VAL A 171 -4.57 3.67 -10.78
C VAL A 171 -3.96 3.68 -9.37
N GLY A 172 -4.67 4.33 -8.43
CA GLY A 172 -4.26 4.47 -7.04
C GLY A 172 -2.98 5.27 -6.84
N ALA A 173 -2.12 5.24 -7.86
CA ALA A 173 -0.79 5.86 -7.89
C ALA A 173 -0.24 6.53 -6.62
N LYS A 174 -0.78 7.65 -6.18
CA LYS A 174 -0.08 8.37 -5.12
C LYS A 174 -0.25 7.83 -3.72
N SER A 175 -1.33 7.08 -3.49
CA SER A 175 -1.42 6.28 -2.28
C SER A 175 -0.19 5.40 -2.27
N PHE A 176 0.27 5.01 -3.46
CA PHE A 176 1.53 4.29 -3.64
C PHE A 176 2.68 5.22 -3.29
N GLU A 177 2.68 6.41 -3.89
CA GLU A 177 3.79 7.33 -3.80
C GLU A 177 4.13 7.71 -2.37
N VAL A 178 3.11 7.76 -1.52
CA VAL A 178 3.27 8.05 -0.11
C VAL A 178 4.16 7.00 0.53
N LYS A 179 3.82 5.74 0.27
CA LYS A 179 4.58 4.61 0.76
C LYS A 179 6.02 4.80 0.28
N LEU A 180 6.24 4.63 -1.02
CA LEU A 180 7.58 4.82 -1.58
C LEU A 180 8.40 5.77 -0.71
N LYS A 181 8.06 7.05 -0.73
CA LYS A 181 8.82 8.06 -0.01
C LYS A 181 9.05 7.63 1.43
N ALA A 182 7.97 7.16 2.04
CA ALA A 182 8.01 6.74 3.44
C ALA A 182 9.00 5.60 3.66
N SER A 183 8.93 4.54 2.84
CA SER A 183 9.89 3.46 2.95
C SER A 183 11.26 4.02 2.72
N LEU A 184 11.43 4.68 1.58
CA LEU A 184 12.67 5.30 1.18
C LEU A 184 13.34 6.15 2.26
N LYS A 185 12.55 6.59 3.23
CA LYS A 185 13.11 7.25 4.40
C LYS A 185 13.68 6.22 5.37
N LYS A 186 12.83 5.32 5.88
CA LYS A 186 13.33 4.33 6.82
C LYS A 186 14.46 3.57 6.18
N MET A 187 14.31 3.23 4.92
CA MET A 187 15.43 2.81 4.11
C MET A 187 16.71 3.58 4.46
N GLU A 188 16.82 4.82 4.00
CA GLU A 188 18.05 5.58 4.23
C GLU A 188 18.17 6.03 5.68
N GLU A 189 17.19 5.66 6.50
CA GLU A 189 17.31 5.87 7.93
C GLU A 189 18.08 4.67 8.49
N THR A 190 17.52 3.47 8.32
CA THR A 190 18.22 2.22 8.61
C THR A 190 19.69 2.43 8.36
N GLU A 191 20.00 2.80 7.13
CA GLU A 191 21.37 2.82 6.62
C GLU A 191 22.36 3.73 7.38
N GLN A 192 21.93 4.30 8.51
CA GLN A 192 22.84 4.93 9.47
C GLN A 192 23.15 3.99 10.63
N LYS A 193 22.26 3.01 10.86
CA LYS A 193 22.55 1.92 11.79
C LYS A 193 23.67 1.18 11.14
N LYS A 194 23.47 0.84 9.87
CA LYS A 194 24.52 0.22 9.08
C LYS A 194 25.89 0.80 9.38
N ILE A 195 26.02 2.12 9.43
CA ILE A 195 27.32 2.73 9.75
C ILE A 195 27.72 2.59 11.23
N GLN A 196 26.75 2.77 12.13
CA GLN A 196 26.99 2.51 13.55
C GLN A 196 27.49 1.06 13.71
N ILE A 197 26.79 0.14 13.05
CA ILE A 197 27.20 -1.26 12.92
C ILE A 197 28.63 -1.26 12.47
N ASN A 198 28.82 -0.74 11.27
CA ASN A 198 30.08 -0.84 10.62
C ASN A 198 31.23 -0.54 11.60
N LYS A 199 31.06 0.50 12.41
CA LYS A 199 32.06 0.89 13.42
C LYS A 199 32.37 -0.27 14.33
N GLU A 200 31.32 -0.89 14.84
CA GLU A 200 31.46 -1.97 15.80
C GLU A 200 32.29 -3.15 15.29
N MET A 201 32.18 -3.47 13.99
CA MET A 201 32.96 -4.56 13.41
C MET A 201 34.47 -4.36 13.47
N GLY A 202 34.93 -3.20 13.02
CA GLY A 202 36.34 -2.84 13.17
C GLY A 202 36.72 -3.11 14.62
N GLU A 203 35.93 -2.55 15.52
CA GLU A 203 36.10 -2.72 16.97
C GLU A 203 36.11 -4.18 17.37
N LEU A 204 35.47 -5.01 16.56
CA LEU A 204 35.58 -6.44 16.75
C LEU A 204 36.86 -6.95 16.14
N ASN A 205 36.97 -6.83 14.82
CA ASN A 205 38.22 -7.10 14.13
C ASN A 205 39.43 -6.80 15.00
N SER A 206 39.36 -5.71 15.74
CA SER A 206 40.38 -5.31 16.68
C SER A 206 40.54 -6.33 17.82
N LYS A 207 39.42 -6.68 18.46
CA LYS A 207 39.41 -7.62 19.58
C LYS A 207 39.80 -9.03 19.17
N LEU A 208 39.91 -9.25 17.87
CA LEU A 208 40.46 -10.49 17.41
C LEU A 208 41.86 -10.30 16.91
N SER A 209 42.23 -9.05 16.69
CA SER A 209 43.60 -8.74 16.36
C SER A 209 44.44 -8.89 17.62
N GLU A 210 43.80 -8.67 18.77
CA GLU A 210 44.43 -8.87 20.07
C GLU A 210 44.45 -10.34 20.43
N MET A 211 43.34 -11.01 20.14
CA MET A 211 43.23 -12.41 20.40
C MET A 211 44.03 -13.20 19.39
N GLU A 212 44.63 -12.52 18.41
CA GLU A 212 45.55 -13.19 17.48
C GLU A 212 46.95 -13.36 18.05
N GLN A 213 47.59 -12.25 18.43
CA GLN A 213 48.90 -12.30 19.07
C GLN A 213 48.86 -13.27 20.25
N GLU A 214 47.78 -13.18 21.02
CA GLU A 214 47.58 -14.02 22.21
C GLU A 214 47.34 -15.50 21.92
N ARG A 215 47.34 -15.89 20.66
CA ARG A 215 47.40 -17.30 20.32
C ARG A 215 48.74 -17.60 19.66
N LYS A 216 49.23 -16.66 18.83
CA LYS A 216 50.58 -16.76 18.26
C LYS A 216 51.53 -17.28 19.33
N GLU A 217 51.33 -16.78 20.55
CA GLU A 217 52.17 -17.11 21.67
C GLU A 217 52.01 -18.54 22.10
N LEU A 218 50.89 -18.89 22.74
CA LEU A 218 50.67 -20.29 23.13
C LEU A 218 51.00 -21.28 22.01
N GLU A 219 51.03 -20.78 20.78
CA GLU A 219 51.64 -21.53 19.69
C GLU A 219 53.15 -21.55 19.95
N LYS A 220 53.83 -20.45 19.63
CA LYS A 220 55.26 -20.37 19.80
C LYS A 220 55.72 -21.00 21.11
N TYR A 221 54.91 -20.88 22.15
CA TYR A 221 55.21 -21.42 23.47
C TYR A 221 55.25 -22.94 23.55
N ASN A 222 54.16 -23.61 23.19
CA ASN A 222 54.17 -25.07 23.13
C ASN A 222 55.16 -25.56 22.12
N GLU A 223 55.43 -24.69 21.14
CA GLU A 223 56.52 -24.90 20.22
C GLU A 223 57.74 -25.26 21.09
N LEU A 224 58.15 -24.30 21.91
CA LEU A 224 59.33 -24.43 22.77
C LEU A 224 59.29 -25.56 23.77
N GLU A 225 58.34 -25.57 24.72
CA GLU A 225 58.39 -26.57 25.80
C GLU A 225 58.17 -28.02 25.34
N ARG A 226 58.49 -28.25 24.08
CA ARG A 226 58.70 -29.58 23.55
C ARG A 226 60.05 -29.54 22.83
N ASN A 227 60.15 -28.62 21.86
CA ASN A 227 61.41 -28.25 21.21
C ASN A 227 62.59 -28.23 22.22
N ARG A 228 62.43 -27.45 23.28
CA ARG A 228 63.33 -27.53 24.42
C ARG A 228 63.32 -28.95 24.96
N LYS A 229 62.15 -29.40 25.44
CA LYS A 229 62.04 -30.64 26.21
C LYS A 229 62.46 -31.91 25.47
N ILE A 230 62.96 -31.76 24.25
CA ILE A 230 63.56 -32.90 23.59
C ILE A 230 65.08 -32.84 23.61
N TYR A 231 65.65 -31.65 23.41
CA TYR A 231 67.05 -31.41 23.69
C TYR A 231 67.34 -31.99 25.04
N GLN A 232 66.63 -31.47 26.04
CA GLN A 232 66.56 -32.06 27.36
C GLN A 232 66.61 -33.59 27.37
N PHE A 233 65.91 -34.24 26.43
CA PHE A 233 65.91 -35.71 26.36
C PHE A 233 66.91 -36.37 25.43
N THR A 234 67.45 -35.62 24.48
CA THR A 234 68.48 -36.18 23.62
C THR A 234 69.78 -36.19 24.39
N LEU A 235 69.98 -35.14 25.17
CA LEU A 235 71.24 -34.95 25.86
C LEU A 235 71.27 -35.70 27.17
N TYR A 236 70.09 -35.90 27.79
CA TYR A 236 69.93 -36.90 28.84
C TYR A 236 70.50 -38.21 28.33
N ASP A 237 70.47 -38.36 27.02
CA ASP A 237 71.04 -39.53 26.39
C ASP A 237 72.39 -39.19 25.81
N ARG A 238 72.44 -38.21 24.90
CA ARG A 238 73.64 -37.92 24.10
C ARG A 238 74.90 -37.89 24.95
N GLU A 239 74.77 -37.38 26.17
CA GLU A 239 75.92 -37.22 27.04
C GLU A 239 75.99 -38.26 28.15
N LEU A 240 74.88 -38.95 28.42
CA LEU A 240 74.94 -40.14 29.26
C LEU A 240 75.26 -41.35 28.39
N ASN A 241 75.10 -41.17 27.09
CA ASN A 241 75.53 -42.15 26.11
C ASN A 241 77.01 -42.40 26.28
N GLU A 242 77.77 -41.33 26.49
CA GLU A 242 79.22 -41.43 26.56
C GLU A 242 79.68 -41.99 27.91
N VAL A 243 78.95 -41.69 28.98
CA VAL A 243 79.31 -42.28 30.29
C VAL A 243 78.90 -43.73 30.33
N ILE A 244 78.03 -44.10 29.40
CA ILE A 244 77.76 -45.50 29.15
C ILE A 244 79.09 -46.12 28.70
N ASN A 245 79.83 -45.36 27.88
CA ASN A 245 80.98 -45.84 27.12
C ASN A 245 82.36 -45.43 27.61
N GLN A 246 82.42 -44.51 28.56
CA GLN A 246 83.68 -44.11 29.16
C GLN A 246 84.13 -45.25 30.05
N MET A 247 83.44 -46.37 29.92
CA MET A 247 83.73 -47.49 30.76
C MET A 247 84.23 -48.58 29.84
N GLU A 248 85.35 -48.22 29.19
CA GLU A 248 86.25 -49.11 28.47
C GLU A 248 85.58 -50.33 27.84
N THR A 278 77.32 -31.17 16.84
CA THR A 278 76.05 -30.56 17.18
C THR A 278 75.70 -30.80 18.67
N SER A 279 76.66 -31.34 19.43
CA SER A 279 76.46 -31.65 20.87
C SER A 279 76.75 -30.48 21.80
N ASP A 280 77.58 -29.57 21.29
CA ASP A 280 77.88 -28.27 21.90
C ASP A 280 76.81 -27.20 21.56
N GLN A 281 76.44 -27.17 20.28
CA GLN A 281 75.37 -26.36 19.74
C GLN A 281 74.14 -26.43 20.66
N LEU A 282 73.83 -27.65 21.10
CA LEU A 282 72.68 -27.95 21.95
C LEU A 282 72.86 -27.52 23.40
N LEU A 283 74.11 -27.26 23.75
CA LEU A 283 74.46 -27.03 25.15
C LEU A 283 73.79 -25.75 25.66
N GLN A 284 74.05 -24.63 24.99
CA GLN A 284 73.52 -23.30 25.34
C GLN A 284 72.20 -23.00 24.66
N ARG A 285 71.83 -23.88 23.73
CA ARG A 285 70.60 -23.73 23.03
C ARG A 285 69.45 -24.06 23.96
N LEU A 286 69.67 -25.01 24.86
CA LEU A 286 68.62 -25.38 25.82
C LEU A 286 68.30 -24.29 26.86
N ASN A 287 69.09 -23.22 26.88
CA ASN A 287 68.75 -22.04 27.68
C ASN A 287 67.99 -21.06 26.84
N ASP A 288 68.49 -20.84 25.64
CA ASP A 288 67.87 -19.96 24.69
C ASP A 288 66.40 -20.34 24.53
N MET A 289 65.96 -21.31 25.32
CA MET A 289 64.56 -21.71 25.36
C MET A 289 63.96 -21.42 26.73
N ASN A 290 64.49 -22.11 27.74
CA ASN A 290 64.07 -21.94 29.13
C ASN A 290 64.07 -20.46 29.47
N THR A 291 64.99 -19.73 28.85
CA THR A 291 65.16 -18.29 29.03
C THR A 291 63.92 -17.49 28.61
N GLU A 292 63.02 -18.13 27.86
CA GLU A 292 61.88 -17.43 27.29
C GLU A 292 60.52 -17.82 27.83
N ILE A 293 60.30 -19.11 28.09
CA ILE A 293 59.06 -19.57 28.75
C ILE A 293 58.90 -18.89 30.11
N SER A 294 60.01 -18.77 30.83
CA SER A 294 60.06 -18.04 32.08
C SER A 294 60.02 -16.54 31.80
N GLY A 295 60.69 -16.13 30.71
CA GLY A 295 60.71 -14.74 30.27
C GLY A 295 59.35 -14.22 29.85
N LEU A 296 58.71 -14.91 28.89
CA LEU A 296 57.42 -14.44 28.36
C LEU A 296 56.29 -15.47 28.43
N LYS A 297 55.51 -15.36 29.50
CA LYS A 297 54.32 -16.16 29.61
C LYS A 297 53.23 -15.47 30.46
N ASN A 298 52.31 -14.78 29.77
CA ASN A 298 51.03 -14.47 30.38
C ASN A 298 50.19 -15.71 30.17
N VAL A 299 50.22 -16.59 31.18
CA VAL A 299 49.55 -17.89 31.13
C VAL A 299 48.07 -17.76 30.75
N ASN A 300 47.65 -18.59 29.80
CA ASN A 300 46.26 -18.73 29.39
C ASN A 300 46.21 -20.02 28.61
N LYS A 301 45.36 -20.92 29.06
CA LYS A 301 45.28 -22.28 28.53
C LYS A 301 44.16 -22.37 27.50
N ARG A 302 43.61 -21.23 27.12
CA ARG A 302 42.37 -21.23 26.37
C ARG A 302 42.51 -20.55 25.02
N ALA A 303 43.63 -19.86 24.83
CA ALA A 303 43.89 -19.01 23.66
C ALA A 303 43.47 -19.58 22.32
N PHE A 304 43.56 -20.90 22.16
CA PHE A 304 43.17 -21.53 20.91
C PHE A 304 41.75 -22.08 20.98
N GLU A 305 41.18 -22.07 22.17
CA GLU A 305 39.77 -22.38 22.29
C GLU A 305 38.97 -21.09 22.11
N ASN A 306 39.28 -20.12 22.97
CA ASN A 306 38.67 -18.80 22.96
C ASN A 306 38.82 -18.04 21.65
N PHE A 307 39.92 -18.29 20.94
CA PHE A 307 40.09 -17.73 19.61
C PHE A 307 39.36 -18.54 18.54
N LYS A 308 39.12 -19.83 18.75
CA LYS A 308 38.43 -20.61 17.74
C LYS A 308 37.00 -20.11 17.54
N LYS A 309 36.26 -20.00 18.64
CA LYS A 309 34.84 -19.57 18.60
C LYS A 309 34.67 -18.10 18.21
N PHE A 310 35.36 -17.26 18.97
CA PHE A 310 35.33 -15.84 18.74
C PHE A 310 35.98 -15.43 17.44
N ASN A 311 36.61 -16.33 16.71
CA ASN A 311 36.84 -15.94 15.34
C ASN A 311 35.68 -16.40 14.51
N GLU A 312 35.18 -17.59 14.78
CA GLU A 312 34.09 -18.10 13.96
C GLU A 312 32.98 -17.05 13.86
N ARG A 313 32.55 -16.54 15.01
CA ARG A 313 31.47 -15.56 15.02
C ARG A 313 31.80 -14.37 14.15
N ARG A 314 32.93 -13.71 14.40
CA ARG A 314 33.36 -12.62 13.54
C ARG A 314 33.18 -12.98 12.08
N LYS A 315 33.51 -14.21 11.70
CA LYS A 315 33.26 -14.62 10.33
C LYS A 315 31.75 -14.70 10.09
N ASP A 316 31.02 -15.36 10.98
CA ASP A 316 29.57 -15.50 10.85
C ASP A 316 28.94 -14.15 10.66
N LEU A 317 29.34 -13.21 11.50
CA LEU A 317 28.80 -11.86 11.46
C LEU A 317 29.19 -11.16 10.19
N ALA A 318 30.46 -10.81 10.00
CA ALA A 318 30.92 -10.21 8.74
C ALA A 318 30.45 -10.86 7.42
N GLU A 319 29.72 -11.97 7.51
CA GLU A 319 28.96 -12.49 6.37
C GLU A 319 27.56 -11.88 6.36
N ARG A 320 26.97 -11.75 7.55
CA ARG A 320 25.70 -11.03 7.70
C ARG A 320 25.96 -9.59 7.30
N ALA A 321 26.74 -8.88 8.12
CA ALA A 321 27.24 -7.56 7.76
C ALA A 321 27.45 -7.37 6.26
N SER A 322 28.12 -8.32 5.62
CA SER A 322 28.33 -8.18 4.19
C SER A 322 27.00 -8.30 3.46
N GLU A 323 26.27 -9.35 3.79
CA GLU A 323 24.99 -9.63 3.17
C GLU A 323 24.21 -8.33 2.98
N LEU A 324 24.07 -7.56 4.07
CA LEU A 324 23.27 -6.33 4.07
C LEU A 324 23.53 -5.49 2.87
N ASP A 325 24.78 -5.05 2.73
CA ASP A 325 25.13 -4.25 1.60
C ASP A 325 24.53 -4.88 0.35
N GLU A 326 24.91 -6.12 0.06
CA GLU A 326 24.39 -6.81 -1.10
C GLU A 326 22.88 -6.64 -1.21
N SER A 327 22.17 -6.96 -0.13
CA SER A 327 20.70 -6.86 -0.10
C SER A 327 20.15 -5.43 -0.16
N LYS A 328 20.90 -4.47 0.37
CA LYS A 328 20.56 -3.07 0.18
C LYS A 328 20.54 -2.83 -1.31
N ASP A 329 21.71 -2.86 -1.94
CA ASP A 329 21.82 -2.68 -3.38
C ASP A 329 20.77 -3.41 -4.21
N SER A 330 19.98 -4.26 -3.58
CA SER A 330 18.95 -4.96 -4.32
C SER A 330 17.58 -4.37 -4.06
N ILE A 331 17.31 -3.94 -2.83
CA ILE A 331 16.07 -3.19 -2.58
C ILE A 331 16.13 -1.86 -3.34
N GLN A 332 17.12 -1.07 -2.94
CA GLN A 332 17.52 0.12 -3.65
C GLN A 332 17.44 -0.10 -5.16
N ASP A 333 17.72 -1.32 -5.64
CA ASP A 333 17.52 -1.59 -7.06
C ASP A 333 16.06 -1.88 -7.36
N LEU A 334 15.38 -2.55 -6.43
CA LEU A 334 13.98 -2.90 -6.62
C LEU A 334 13.18 -1.66 -6.96
N ILE A 335 13.30 -0.66 -6.09
CA ILE A 335 12.66 0.66 -6.23
C ILE A 335 12.60 1.17 -7.67
N VAL A 336 13.76 1.29 -8.31
CA VAL A 336 13.79 1.83 -9.64
C VAL A 336 13.04 0.93 -10.60
N LYS A 337 13.05 -0.35 -10.31
CA LYS A 337 12.27 -1.29 -11.11
C LYS A 337 10.79 -0.95 -11.01
N LEU A 338 10.38 -0.36 -9.88
CA LEU A 338 8.98 -0.04 -9.62
C LEU A 338 8.58 1.37 -9.99
N LYS A 339 9.50 2.28 -9.75
CA LYS A 339 9.30 3.69 -10.00
C LYS A 339 9.13 3.89 -11.50
N GLN A 340 9.70 2.96 -12.27
CA GLN A 340 9.39 2.77 -13.67
C GLN A 340 7.96 2.25 -13.79
N GLN A 341 7.65 1.18 -13.07
CA GLN A 341 6.38 0.53 -13.29
C GLN A 341 5.24 1.48 -13.05
N LYS A 342 5.43 2.44 -12.15
CA LYS A 342 4.36 3.42 -11.89
C LYS A 342 3.97 4.18 -13.14
N VAL A 343 4.96 4.73 -13.84
CA VAL A 343 4.65 5.39 -15.11
C VAL A 343 3.95 4.41 -16.05
N ASN A 344 4.52 3.22 -16.21
CA ASN A 344 3.91 2.16 -17.02
C ASN A 344 2.44 1.99 -16.70
N ALA A 345 2.10 2.16 -15.42
CA ALA A 345 0.75 1.94 -14.93
C ALA A 345 -0.11 3.12 -15.27
N VAL A 346 0.51 4.29 -15.27
CA VAL A 346 -0.17 5.54 -15.49
C VAL A 346 -0.28 5.82 -16.99
N ASP A 347 0.85 6.15 -17.59
CA ASP A 347 0.92 6.45 -19.00
C ASP A 347 0.21 5.39 -19.84
N SER A 348 -0.15 4.27 -19.21
CA SER A 348 -0.99 3.28 -19.87
C SER A 348 -2.45 3.63 -19.67
N THR A 349 -2.83 3.88 -18.43
CA THR A 349 -4.19 4.26 -18.15
C THR A 349 -4.52 5.49 -18.97
N PHE A 350 -3.60 6.45 -18.98
CA PHE A 350 -3.79 7.69 -19.73
C PHE A 350 -4.35 7.43 -21.12
N GLN A 351 -3.67 6.54 -21.84
CA GLN A 351 -4.10 6.10 -23.16
C GLN A 351 -5.54 5.69 -23.10
N LYS A 352 -5.82 4.65 -22.31
CA LYS A 352 -7.17 4.13 -22.20
C LYS A 352 -8.15 5.26 -21.95
N VAL A 353 -7.76 6.21 -21.11
CA VAL A 353 -8.65 7.29 -20.74
C VAL A 353 -8.94 8.26 -21.86
N SER A 354 -7.88 8.86 -22.41
CA SER A 354 -8.08 9.61 -23.63
C SER A 354 -8.94 8.81 -24.63
N GLU A 355 -8.46 7.64 -25.04
CA GLU A 355 -9.14 6.80 -26.03
C GLU A 355 -10.62 6.54 -25.72
N ASN A 356 -10.98 6.58 -24.44
CA ASN A 356 -12.38 6.52 -24.09
C ASN A 356 -12.97 7.86 -24.38
N PHE A 357 -12.35 8.85 -23.75
CA PHE A 357 -12.84 10.21 -23.69
C PHE A 357 -13.40 10.74 -25.00
N GLU A 358 -12.56 10.86 -26.02
CA GLU A 358 -13.04 11.39 -27.29
C GLU A 358 -14.29 10.61 -27.61
N ALA A 359 -14.11 9.32 -27.88
CA ALA A 359 -15.23 8.43 -28.15
C ALA A 359 -16.48 8.81 -27.36
N VAL A 360 -16.34 9.00 -26.04
CA VAL A 360 -17.47 9.39 -25.21
C VAL A 360 -17.93 10.78 -25.57
N PHE A 361 -16.98 11.69 -25.63
CA PHE A 361 -17.32 13.05 -25.91
C PHE A 361 -18.07 13.18 -27.22
N GLU A 362 -17.44 12.61 -28.25
CA GLU A 362 -17.97 12.59 -29.58
C GLU A 362 -19.38 11.98 -29.62
N ARG A 363 -19.76 11.29 -28.56
CA ARG A 363 -21.15 10.93 -28.47
C ARG A 363 -21.85 12.21 -28.11
N LEU A 364 -21.69 12.62 -26.86
CA LEU A 364 -22.42 13.78 -26.32
C LEU A 364 -22.47 14.98 -27.22
N VAL A 365 -21.37 15.23 -27.91
CA VAL A 365 -21.31 16.35 -28.79
C VAL A 365 -20.76 15.78 -30.07
N PRO A 366 -21.65 15.14 -30.86
CA PRO A 366 -21.19 14.58 -32.14
C PRO A 366 -21.00 15.72 -33.13
N ARG A 367 -21.17 16.93 -32.60
CA ARG A 367 -21.03 18.18 -33.33
C ARG A 367 -19.55 18.57 -33.48
N GLY A 368 -18.73 18.19 -32.51
CA GLY A 368 -17.29 18.47 -32.54
C GLY A 368 -16.50 17.38 -31.86
N THR A 369 -15.18 17.56 -31.69
CA THR A 369 -14.30 16.55 -31.04
C THR A 369 -13.45 17.06 -29.86
N ALA A 370 -13.01 16.12 -29.03
CA ALA A 370 -12.20 16.45 -27.86
C ALA A 370 -11.04 15.49 -27.70
N LYS A 371 -9.87 16.04 -27.40
CA LYS A 371 -8.68 15.24 -27.19
C LYS A 371 -8.04 15.58 -25.86
N LEU A 372 -7.13 14.72 -25.41
CA LEU A 372 -6.34 14.99 -24.23
C LEU A 372 -4.88 15.19 -24.56
N ILE A 373 -4.31 16.24 -24.00
CA ILE A 373 -2.89 16.43 -24.07
C ILE A 373 -2.32 16.37 -22.67
N ILE A 374 -1.01 16.25 -22.57
CA ILE A 374 -0.37 15.75 -21.37
C ILE A 374 1.09 16.23 -21.35
N HIS A 375 1.63 16.48 -20.16
CA HIS A 375 2.93 17.16 -20.06
C HIS A 375 3.82 16.61 -18.94
N SER A 413 0.12 19.22 -15.63
CA SER A 413 0.75 18.36 -16.62
C SER A 413 -0.27 17.56 -17.50
N ILE A 414 -1.55 17.94 -17.45
CA ILE A 414 -2.57 17.42 -18.38
C ILE A 414 -3.52 18.51 -18.86
N SER A 415 -3.84 18.49 -20.16
CA SER A 415 -4.83 19.40 -20.73
C SER A 415 -5.90 18.74 -21.59
N VAL A 416 -7.04 19.43 -21.71
CA VAL A 416 -8.08 19.08 -22.65
C VAL A 416 -8.12 20.10 -23.79
N SER A 417 -7.80 19.62 -24.99
CA SER A 417 -7.94 20.42 -26.21
C SER A 417 -9.37 20.25 -26.69
N PHE A 418 -9.97 21.32 -27.18
CA PHE A 418 -11.36 21.15 -27.53
C PHE A 418 -12.03 22.13 -28.50
N ASN A 419 -12.94 21.57 -29.32
CA ASN A 419 -13.91 22.32 -30.15
C ASN A 419 -15.30 21.68 -30.11
N SER A 420 -16.35 22.49 -29.94
CA SER A 420 -17.71 21.97 -29.82
C SER A 420 -18.43 21.74 -31.15
N LYS A 421 -18.07 22.53 -32.16
CA LYS A 421 -18.46 22.27 -33.54
C LYS A 421 -17.23 22.51 -34.38
N GLN A 422 -16.96 21.59 -35.31
CA GLN A 422 -15.83 21.75 -36.22
C GLN A 422 -15.93 23.09 -36.95
N ASN A 423 -15.02 23.97 -36.57
CA ASN A 423 -15.09 25.39 -36.89
C ASN A 423 -13.77 26.01 -36.44
N GLU A 424 -13.43 25.82 -35.17
CA GLU A 424 -12.19 26.33 -34.55
C GLU A 424 -12.03 25.79 -33.15
N GLN A 425 -10.82 25.35 -32.82
CA GLN A 425 -10.57 24.67 -31.54
C GLN A 425 -9.77 25.45 -30.50
N LEU A 426 -9.79 24.96 -29.27
CA LEU A 426 -8.64 24.98 -28.36
C LEU A 426 -8.93 24.72 -26.89
N HIS A 427 -8.02 25.18 -26.03
CA HIS A 427 -7.93 24.82 -24.61
C HIS A 427 -9.24 25.02 -23.84
N VAL A 428 -9.39 24.39 -22.70
CA VAL A 428 -10.68 24.38 -21.98
C VAL A 428 -10.93 25.63 -21.15
N GLU A 429 -9.86 26.19 -20.60
CA GLU A 429 -9.95 27.36 -19.73
C GLU A 429 -10.32 28.61 -20.55
N GLN A 430 -11.33 28.44 -21.39
CA GLN A 430 -11.79 29.49 -22.23
C GLN A 430 -13.29 29.29 -22.46
N LEU A 431 -13.83 28.19 -21.97
CA LEU A 431 -15.18 27.80 -22.36
C LEU A 431 -16.32 28.34 -21.51
N SER A 432 -17.52 28.10 -22.00
CA SER A 432 -18.71 28.50 -21.29
C SER A 432 -18.82 27.72 -20.01
N GLY A 433 -19.33 28.38 -18.97
CA GLY A 433 -19.65 27.69 -17.72
C GLY A 433 -20.13 26.33 -18.12
N GLY A 434 -21.40 26.24 -18.50
CA GLY A 434 -21.95 25.01 -19.06
C GLY A 434 -21.03 24.30 -20.04
N GLN A 435 -20.52 25.04 -21.02
CA GLN A 435 -19.69 24.44 -22.05
C GLN A 435 -18.66 23.48 -21.44
N LYS A 436 -17.92 23.96 -20.45
CA LYS A 436 -17.00 23.15 -19.65
C LYS A 436 -17.66 21.89 -19.01
N THR A 437 -18.53 22.12 -18.04
CA THR A 437 -19.45 21.13 -17.48
C THR A 437 -19.79 19.87 -18.29
N VAL A 438 -19.78 19.95 -19.61
CA VAL A 438 -19.99 18.77 -20.40
C VAL A 438 -18.84 17.79 -20.15
N CYS A 439 -17.69 18.14 -20.72
CA CYS A 439 -16.42 17.44 -20.52
C CYS A 439 -16.40 16.70 -19.22
N ALA A 440 -16.34 17.45 -18.13
CA ALA A 440 -16.60 16.95 -16.79
C ALA A 440 -17.08 15.57 -16.89
N ILE A 441 -18.38 15.49 -17.15
CA ILE A 441 -19.08 14.22 -17.21
C ILE A 441 -18.30 13.26 -18.08
N ALA A 442 -18.43 13.47 -19.37
CA ALA A 442 -17.66 12.69 -20.30
C ALA A 442 -16.37 12.17 -19.65
N LEU A 443 -15.41 13.05 -19.45
CA LEU A 443 -14.21 12.69 -18.74
C LEU A 443 -14.49 11.62 -17.72
N ILE A 444 -15.27 11.97 -16.70
CA ILE A 444 -15.37 11.07 -15.58
C ILE A 444 -16.07 9.77 -15.91
N LEU A 445 -16.94 9.80 -16.90
CA LEU A 445 -17.38 8.57 -17.48
C LEU A 445 -16.15 7.94 -18.07
N ALA A 446 -15.53 8.62 -19.03
CA ALA A 446 -14.32 8.09 -19.69
C ALA A 446 -13.49 7.37 -18.67
N ILE A 447 -13.30 8.00 -17.52
CA ILE A 447 -12.57 7.41 -16.44
C ILE A 447 -13.37 6.27 -15.78
N GLN A 448 -14.51 6.59 -15.18
CA GLN A 448 -15.28 5.56 -14.48
C GLN A 448 -15.25 4.26 -15.25
N MET A 449 -15.49 4.33 -16.54
CA MET A 449 -15.66 3.13 -17.36
C MET A 449 -14.38 2.40 -17.79
N VAL A 450 -13.20 2.86 -17.40
CA VAL A 450 -11.96 2.11 -17.71
C VAL A 450 -11.62 0.99 -16.72
N ASP A 451 -12.03 1.18 -15.46
CA ASP A 451 -12.10 0.11 -14.48
C ASP A 451 -13.56 -0.01 -14.07
N PRO A 452 -14.38 -0.58 -14.95
CA PRO A 452 -15.80 -0.51 -14.70
C PRO A 452 -16.19 -1.42 -13.55
N ALA A 453 -16.87 -0.83 -12.57
CA ALA A 453 -17.40 -1.54 -11.42
C ALA A 453 -18.81 -2.04 -11.69
N SER A 454 -19.31 -2.91 -10.80
CA SER A 454 -20.66 -3.46 -10.88
C SER A 454 -21.72 -2.39 -10.64
N PHE A 455 -21.31 -1.33 -9.96
CA PHE A 455 -22.25 -0.36 -9.43
C PHE A 455 -21.72 1.11 -9.47
N TYR A 456 -22.64 2.07 -9.49
CA TYR A 456 -22.32 3.48 -9.61
C TYR A 456 -23.48 4.35 -9.12
N LEU A 457 -23.21 5.39 -8.35
CA LEU A 457 -24.24 6.43 -8.21
C LEU A 457 -23.79 7.89 -8.49
N PHE A 458 -24.80 8.76 -8.66
CA PHE A 458 -24.68 10.10 -9.26
C PHE A 458 -25.63 11.13 -8.65
N ASP A 459 -25.24 11.72 -7.52
CA ASP A 459 -25.99 12.84 -6.98
C ASP A 459 -26.19 13.89 -8.03
N GLU A 460 -27.46 14.12 -8.37
CA GLU A 460 -27.88 15.26 -9.18
C GLU A 460 -26.78 15.72 -10.09
N ILE A 461 -26.21 14.79 -10.83
CA ILE A 461 -25.16 15.05 -11.78
C ILE A 461 -25.54 16.04 -12.86
N ASP A 462 -26.83 16.34 -12.98
CA ASP A 462 -27.31 17.16 -14.09
C ASP A 462 -27.60 18.62 -13.74
N ALA A 463 -27.19 19.05 -12.55
CA ALA A 463 -27.62 20.32 -11.98
C ALA A 463 -27.24 21.63 -12.67
N ALA A 464 -26.37 21.58 -13.68
CA ALA A 464 -26.03 22.80 -14.42
C ALA A 464 -25.34 22.58 -15.78
N LEU A 465 -26.12 22.27 -16.82
CA LEU A 465 -25.59 22.07 -18.18
C LEU A 465 -26.57 22.58 -19.25
N ASP A 466 -27.78 22.87 -18.80
CA ASP A 466 -28.88 23.26 -19.67
C ASP A 466 -29.34 22.15 -20.66
N LYS A 467 -29.98 22.58 -21.75
CA LYS A 467 -30.76 21.72 -22.62
C LYS A 467 -29.93 20.74 -23.47
N GLN A 468 -29.42 21.24 -24.60
CA GLN A 468 -28.81 20.43 -25.70
C GLN A 468 -28.41 19.03 -25.28
N TYR A 469 -27.64 19.03 -24.21
CA TYR A 469 -26.86 17.91 -23.83
C TYR A 469 -27.70 16.91 -23.07
N ARG A 470 -28.48 17.39 -22.10
CA ARG A 470 -29.28 16.55 -21.24
C ARG A 470 -29.80 15.31 -21.98
N THR A 471 -30.36 15.52 -23.18
CA THR A 471 -30.84 14.41 -24.03
C THR A 471 -29.72 13.41 -24.25
N ALA A 472 -28.64 13.91 -24.85
CA ALA A 472 -27.44 13.14 -25.15
C ALA A 472 -26.94 12.34 -23.95
N VAL A 473 -27.07 12.89 -22.77
CA VAL A 473 -26.53 12.26 -21.58
C VAL A 473 -27.36 11.08 -21.16
N ALA A 474 -28.60 11.36 -20.78
CA ALA A 474 -29.46 10.40 -20.10
C ALA A 474 -29.50 9.13 -20.89
N THR A 475 -29.59 9.31 -22.21
CA THR A 475 -29.60 8.23 -23.17
C THR A 475 -28.33 7.41 -23.07
N LEU A 476 -27.19 8.09 -23.25
CA LEU A 476 -25.87 7.47 -23.18
C LEU A 476 -25.68 6.67 -21.88
N LEU A 477 -26.08 7.30 -20.78
CA LEU A 477 -26.04 6.67 -19.48
C LEU A 477 -26.87 5.43 -19.46
N LYS A 478 -28.09 5.56 -19.95
CA LYS A 478 -29.00 4.44 -19.95
C LYS A 478 -28.35 3.35 -20.78
N GLU A 479 -27.75 3.72 -21.91
CA GLU A 479 -26.99 2.75 -22.72
C GLU A 479 -25.92 2.08 -21.87
N LEU A 480 -25.35 2.84 -20.95
CA LEU A 480 -24.32 2.33 -20.08
C LEU A 480 -24.91 1.48 -18.98
N SER A 481 -26.21 1.64 -18.75
CA SER A 481 -26.91 0.94 -17.69
C SER A 481 -26.85 -0.56 -17.86
N LYS A 482 -27.14 -1.02 -19.07
CA LYS A 482 -27.09 -2.44 -19.39
C LYS A 482 -26.19 -3.15 -18.41
N ASN A 483 -24.88 -2.96 -18.57
CA ASN A 483 -23.87 -3.76 -17.89
C ASN A 483 -23.64 -3.45 -16.42
N ALA A 484 -24.09 -2.29 -15.96
CA ALA A 484 -23.90 -1.97 -14.56
C ALA A 484 -25.13 -1.42 -13.86
N GLN A 485 -25.06 -1.47 -12.54
CA GLN A 485 -26.09 -0.95 -11.67
C GLN A 485 -25.91 0.57 -11.54
N PHE A 486 -26.96 1.31 -11.84
CA PHE A 486 -26.90 2.77 -11.81
C PHE A 486 -28.00 3.38 -10.96
N ILE A 487 -27.66 4.47 -10.29
CA ILE A 487 -28.59 5.17 -9.44
C ILE A 487 -28.30 6.66 -9.51
N CYS A 488 -29.34 7.44 -9.81
CA CYS A 488 -29.16 8.87 -10.00
C CYS A 488 -30.18 9.66 -9.25
N THR A 489 -29.75 10.81 -8.75
CA THR A 489 -30.76 11.77 -8.41
C THR A 489 -30.80 12.77 -9.50
N THR A 490 -31.97 13.37 -9.64
CA THR A 490 -32.17 14.37 -10.64
C THR A 490 -33.25 15.32 -10.17
N PHE A 491 -33.40 16.38 -10.94
CA PHE A 491 -34.47 17.32 -10.79
C PHE A 491 -34.71 17.87 -12.19
N ARG A 492 -33.81 17.53 -13.10
CA ARG A 492 -34.10 17.71 -14.50
C ARG A 492 -34.83 16.42 -14.83
N THR A 493 -35.83 16.52 -15.68
CA THR A 493 -36.72 15.39 -15.95
C THR A 493 -36.19 14.55 -17.09
N ASP A 494 -35.07 14.98 -17.64
CA ASP A 494 -34.62 14.49 -18.92
C ASP A 494 -33.99 13.11 -18.85
N MET A 495 -33.65 12.69 -17.63
CA MET A 495 -33.22 11.33 -17.39
C MET A 495 -34.44 10.43 -17.27
N LEU A 496 -35.60 11.06 -17.06
CA LEU A 496 -36.86 10.35 -16.80
C LEU A 496 -37.52 9.85 -18.07
N GLN A 497 -37.58 10.69 -19.09
CA GLN A 497 -38.22 10.35 -20.36
C GLN A 497 -37.49 9.21 -21.05
N VAL A 498 -36.80 8.40 -20.24
CA VAL A 498 -35.75 7.50 -20.69
C VAL A 498 -35.47 6.44 -19.66
N ALA A 499 -35.90 6.70 -18.43
CA ALA A 499 -35.49 5.91 -17.28
C ALA A 499 -36.09 4.51 -17.20
N ASP A 500 -35.53 3.74 -16.27
CA ASP A 500 -36.02 2.42 -15.87
C ASP A 500 -36.97 2.66 -14.70
N LYS A 501 -36.58 2.23 -13.49
CA LYS A 501 -37.41 2.41 -12.30
C LYS A 501 -37.55 3.87 -11.93
N PHE A 502 -38.15 4.16 -10.77
CA PHE A 502 -38.50 5.53 -10.39
C PHE A 502 -38.88 5.66 -8.89
N PHE A 503 -38.29 6.63 -8.19
CA PHE A 503 -38.50 6.85 -6.75
C PHE A 503 -38.60 8.33 -6.35
N ARG A 504 -39.46 8.64 -5.38
CA ARG A 504 -39.53 10.00 -4.82
C ARG A 504 -39.33 9.96 -3.32
N VAL A 505 -38.73 11.03 -2.79
CA VAL A 505 -38.56 11.18 -1.35
C VAL A 505 -39.45 12.32 -0.83
N LYS A 506 -40.07 12.05 0.31
CA LYS A 506 -41.03 12.96 0.88
C LYS A 506 -40.56 13.31 2.29
N TYR A 507 -40.67 14.58 2.65
CA TYR A 507 -40.33 15.03 4.00
C TYR A 507 -41.49 15.70 4.74
N GLU A 508 -42.11 14.92 5.62
CA GLU A 508 -42.95 15.48 6.65
C GLU A 508 -41.99 15.80 7.80
N ASN A 509 -42.17 16.96 8.44
CA ASN A 509 -41.16 17.63 9.30
C ASN A 509 -40.11 16.90 10.16
N LYS A 510 -40.30 15.62 10.46
CA LYS A 510 -39.28 14.85 11.18
C LYS A 510 -38.91 13.58 10.45
N ILE A 511 -39.78 13.13 9.56
CA ILE A 511 -39.51 11.93 8.78
C ILE A 511 -39.43 12.23 7.30
N SER A 512 -38.58 11.48 6.63
CA SER A 512 -38.51 11.54 5.19
C SER A 512 -38.67 10.15 4.67
N THR A 513 -39.33 10.04 3.54
CA THR A 513 -39.74 8.76 3.07
C THR A 513 -39.51 8.70 1.59
N VAL A 514 -39.07 7.54 1.11
CA VAL A 514 -39.10 7.30 -0.32
C VAL A 514 -40.37 6.53 -0.72
N ILE A 515 -40.98 6.99 -1.82
CA ILE A 515 -42.18 6.38 -2.38
C ILE A 515 -41.89 6.15 -3.87
N GLU A 516 -42.47 5.08 -4.42
CA GLU A 516 -42.21 4.70 -5.81
C GLU A 516 -43.41 5.05 -6.69
N VAL A 517 -43.17 5.86 -7.72
CA VAL A 517 -44.21 6.22 -8.69
C VAL A 517 -43.63 6.18 -10.11
N ASN A 518 -44.46 6.30 -11.14
CA ASN A 518 -43.90 6.30 -12.48
C ASN A 518 -44.13 7.54 -13.33
N ARG A 519 -45.23 7.56 -14.07
CA ARG A 519 -45.47 8.62 -15.03
C ARG A 519 -45.81 9.94 -14.31
N GLU A 520 -46.60 9.80 -13.25
CA GLU A 520 -46.99 10.90 -12.37
C GLU A 520 -45.81 11.30 -11.50
N GLU A 521 -44.80 10.45 -11.45
CA GLU A 521 -43.54 10.86 -10.91
C GLU A 521 -42.98 11.90 -11.86
N ALA A 522 -42.90 11.54 -13.15
CA ALA A 522 -42.41 12.45 -14.18
C ALA A 522 -43.25 13.72 -14.17
N ILE A 523 -44.50 13.57 -13.72
CA ILE A 523 -45.39 14.71 -13.51
C ILE A 523 -44.96 15.48 -12.25
N GLY A 524 -44.38 14.76 -11.28
CA GLY A 524 -43.98 15.39 -10.03
C GLY A 524 -43.12 16.63 -10.20
N PHE A 525 -42.13 16.54 -11.08
CA PHE A 525 -41.19 17.64 -11.34
C PHE A 525 -41.85 18.76 -12.08
N ILE A 526 -42.46 18.38 -13.19
CA ILE A 526 -42.99 19.31 -14.14
C ILE A 526 -43.87 20.34 -13.42
N ARG A 527 -44.37 19.97 -12.25
CA ARG A 527 -45.11 20.88 -11.37
C ARG A 527 -44.18 21.94 -10.76
N TRP B 25 5.62 -17.43 -1.42
CA TRP B 25 4.32 -16.73 -1.17
C TRP B 25 4.31 -16.01 0.14
N LEU B 26 3.10 -15.97 0.65
CA LEU B 26 2.73 -15.51 1.96
C LEU B 26 3.95 -14.88 2.66
N ALA B 27 5.08 -15.59 2.65
CA ALA B 27 6.29 -15.18 3.37
C ALA B 27 6.35 -13.65 3.49
N SER B 28 6.43 -13.02 2.33
CA SER B 28 6.23 -11.60 2.14
C SER B 28 5.46 -10.78 3.22
N ASN B 29 4.15 -10.96 3.26
CA ASN B 29 3.22 -9.84 3.48
C ASN B 29 3.07 -9.04 4.78
N MET B 30 2.97 -9.69 5.94
CA MET B 30 2.37 -8.96 7.08
C MET B 30 2.89 -7.54 7.08
N SER B 31 4.21 -7.45 7.07
CA SER B 31 4.95 -6.21 6.92
C SER B 31 4.31 -5.28 5.89
N ILE B 39 12.66 -13.48 14.21
CA ILE B 39 11.92 -13.50 12.95
C ILE B 39 12.86 -12.95 11.86
N GLN B 40 12.92 -13.60 10.68
CA GLN B 40 13.88 -13.19 9.63
C GLN B 40 13.85 -14.04 8.37
N THR B 41 14.14 -13.42 7.23
CA THR B 41 14.38 -14.13 5.96
C THR B 41 15.38 -13.38 5.05
N HIS B 42 15.52 -13.84 3.81
CA HIS B 42 16.53 -13.31 2.89
C HIS B 42 15.99 -12.22 1.98
N ILE B 43 16.66 -11.06 1.97
CA ILE B 43 16.23 -9.87 1.19
C ILE B 43 16.27 -10.13 -0.31
N ALA B 44 17.44 -9.91 -0.91
CA ALA B 44 17.56 -9.86 -2.37
C ALA B 44 16.79 -10.97 -3.05
N GLU B 45 16.64 -12.09 -2.35
CA GLU B 45 15.93 -13.28 -2.85
C GLU B 45 14.47 -12.97 -3.19
N SER B 46 14.00 -11.83 -2.71
CA SER B 46 12.62 -11.43 -2.92
C SER B 46 12.51 -10.18 -3.80
N ALA B 47 13.49 -9.29 -3.69
CA ALA B 47 13.55 -8.06 -4.51
C ALA B 47 13.46 -8.32 -6.01
N LYS B 48 13.80 -9.53 -6.44
CA LYS B 48 13.60 -9.88 -7.83
C LYS B 48 12.47 -10.88 -7.98
N GLU B 49 11.82 -11.25 -6.88
CA GLU B 49 10.59 -12.03 -6.97
C GLU B 49 9.48 -11.06 -7.23
N ILE B 50 9.73 -9.81 -6.86
CA ILE B 50 8.84 -8.72 -7.21
C ILE B 50 9.03 -8.28 -8.67
N ALA B 51 10.27 -7.94 -9.02
CA ALA B 51 10.63 -7.63 -10.41
C ALA B 51 9.96 -8.56 -11.42
N LYS B 52 9.73 -9.80 -11.00
CA LYS B 52 9.00 -10.77 -11.80
C LYS B 52 7.56 -10.36 -12.01
N ALA B 53 6.95 -9.81 -10.96
CA ALA B 53 5.59 -9.27 -11.05
C ALA B 53 5.51 -7.96 -11.85
N SER B 54 6.61 -7.54 -12.47
CA SER B 54 6.67 -6.27 -13.19
C SER B 54 7.11 -6.43 -14.65
N GLY B 55 8.29 -7.02 -14.82
CA GLY B 55 9.04 -6.95 -16.06
C GLY B 55 10.46 -6.74 -15.57
N CYS B 56 11.26 -7.80 -15.64
CA CYS B 56 12.56 -7.90 -14.98
C CYS B 56 13.54 -8.61 -15.93
N ASP B 57 13.09 -9.77 -16.39
CA ASP B 57 13.73 -10.55 -17.44
C ASP B 57 12.85 -10.49 -18.70
N ASP B 58 11.96 -9.49 -18.71
CA ASP B 58 11.37 -8.96 -19.95
C ASP B 58 10.26 -9.82 -20.61
N GLU B 59 9.35 -10.36 -19.80
CA GLU B 59 8.19 -11.10 -20.29
C GLU B 59 6.88 -10.56 -19.71
N SER B 60 6.55 -9.31 -20.02
CA SER B 60 5.28 -8.73 -19.56
C SER B 60 4.14 -9.37 -20.33
N GLY B 61 3.03 -9.72 -19.68
CA GLY B 61 2.83 -9.63 -18.23
C GLY B 61 1.96 -10.78 -17.74
N ASP B 62 2.28 -11.35 -16.59
CA ASP B 62 1.64 -12.59 -16.14
C ASP B 62 1.08 -12.50 -14.71
N ASN B 63 0.74 -13.65 -14.13
CA ASN B 63 0.24 -13.79 -12.74
C ASN B 63 -1.00 -12.95 -12.43
N GLU B 64 -0.94 -12.22 -11.31
CA GLU B 64 -1.98 -11.27 -10.93
C GLU B 64 -1.41 -9.86 -10.92
N TYR B 65 -0.18 -9.76 -11.44
CA TYR B 65 0.58 -8.52 -11.55
C TYR B 65 0.70 -7.68 -10.27
N ILE B 66 0.85 -6.37 -10.46
CA ILE B 66 1.12 -5.45 -9.38
C ILE B 66 -0.05 -4.49 -9.14
N THR B 67 -0.89 -4.79 -8.15
CA THR B 67 -1.93 -3.84 -7.78
C THR B 67 -1.28 -2.51 -7.44
N LEU B 68 0.05 -2.53 -7.41
CA LEU B 68 0.85 -1.33 -7.17
C LEU B 68 0.48 -0.77 -5.82
N ARG B 69 -0.72 -1.12 -5.35
CA ARG B 69 -1.10 -0.91 -3.97
C ARG B 69 -0.32 -1.95 -3.23
N THR B 70 -0.41 -3.16 -3.79
CA THR B 70 0.32 -4.29 -3.34
C THR B 70 1.82 -3.99 -3.40
N SER B 71 2.32 -3.65 -4.58
CA SER B 71 3.74 -3.32 -4.71
C SER B 71 4.19 -2.38 -3.61
N GLY B 72 3.36 -1.39 -3.35
CA GLY B 72 3.71 -0.37 -2.39
C GLY B 72 3.89 -0.98 -1.04
N GLU B 73 2.82 -1.61 -0.54
CA GLU B 73 2.82 -2.14 0.81
C GLU B 73 3.82 -3.29 1.00
N LEU B 74 4.17 -3.97 -0.09
CA LEU B 74 5.21 -4.97 -0.03
C LEU B 74 6.50 -4.28 0.21
N LEU B 75 6.94 -3.58 -0.82
CA LEU B 75 8.20 -2.88 -0.75
C LEU B 75 8.35 -2.43 0.67
N GLN B 76 7.38 -1.68 1.15
CA GLN B 76 7.34 -1.28 2.53
C GLN B 76 7.87 -2.39 3.42
N GLY B 77 7.09 -3.46 3.54
CA GLY B 77 7.49 -4.66 4.30
C GLY B 77 8.94 -5.13 4.16
N ILE B 78 9.38 -5.32 2.92
CA ILE B 78 10.75 -5.71 2.70
C ILE B 78 11.61 -4.83 3.56
N VAL B 79 11.55 -3.53 3.35
CA VAL B 79 12.42 -2.66 4.05
C VAL B 79 12.16 -2.81 5.53
N ARG B 80 10.90 -2.88 5.92
CA ARG B 80 10.56 -2.99 7.34
C ARG B 80 11.46 -4.04 7.95
N VAL B 81 11.62 -5.16 7.24
CA VAL B 81 12.50 -6.25 7.69
C VAL B 81 13.97 -5.99 7.46
N TYR B 82 14.36 -5.73 6.21
CA TYR B 82 15.71 -5.28 5.90
C TYR B 82 16.25 -4.40 7.01
N SER B 83 15.43 -3.49 7.51
CA SER B 83 15.84 -2.71 8.64
C SER B 83 15.96 -3.63 9.85
N LYS B 84 14.86 -4.26 10.23
CA LYS B 84 14.85 -5.02 11.47
C LYS B 84 16.04 -6.00 11.51
N GLN B 85 16.58 -6.36 10.35
CA GLN B 85 17.75 -7.21 10.33
C GLN B 85 18.98 -6.46 10.82
N ALA B 86 19.38 -5.46 10.06
CA ALA B 86 20.51 -4.64 10.45
C ALA B 86 20.47 -4.32 11.92
N THR B 87 19.28 -4.04 12.47
CA THR B 87 19.22 -3.80 13.91
C THR B 87 19.70 -5.05 14.63
N PHE B 88 18.94 -6.15 14.53
CA PHE B 88 19.34 -7.39 15.17
C PHE B 88 20.85 -7.60 15.04
N LEU B 89 21.36 -7.56 13.82
CA LEU B 89 22.77 -7.69 13.62
C LEU B 89 23.54 -6.91 14.67
N LEU B 90 23.35 -5.60 14.69
CA LEU B 90 24.07 -4.74 15.60
C LEU B 90 23.92 -5.21 17.02
N THR B 91 22.69 -5.53 17.41
CA THR B 91 22.44 -6.02 18.76
C THR B 91 23.42 -7.15 19.04
N ASP B 92 23.62 -7.98 18.04
CA ASP B 92 24.49 -9.12 18.21
C ASP B 92 25.92 -8.70 18.42
N ILE B 93 26.62 -8.34 17.35
CA ILE B 93 27.97 -7.80 17.49
C ILE B 93 28.24 -7.33 18.92
N LYS B 94 27.40 -6.43 19.42
CA LYS B 94 27.58 -5.84 20.75
C LYS B 94 27.47 -6.85 21.88
N ASP B 95 26.38 -7.61 21.88
CA ASP B 95 26.17 -8.62 22.90
C ASP B 95 27.35 -9.61 22.90
N THR B 96 27.91 -9.86 21.71
CA THR B 96 29.14 -10.63 21.58
C THR B 96 30.32 -9.85 22.17
N LEU B 97 30.71 -8.78 21.49
CA LEU B 97 31.85 -7.96 21.88
C LEU B 97 32.00 -7.79 23.41
N THR B 98 30.91 -7.60 24.13
CA THR B 98 31.01 -7.46 25.57
C THR B 98 31.22 -8.79 26.25
N LYS B 99 30.54 -9.83 25.74
CA LYS B 99 30.76 -11.20 26.21
C LYS B 99 32.24 -11.64 26.14
N ILE B 100 33.01 -11.03 25.24
CA ILE B 100 34.46 -11.24 25.23
C ILE B 100 35.09 -10.62 26.49
N SER B 101 34.63 -9.41 26.82
CA SER B 101 35.22 -8.61 27.88
C SER B 101 35.05 -9.33 29.20
N MET B 102 35.21 -10.66 29.16
CA MET B 102 34.84 -11.53 30.26
C MET B 102 35.66 -12.82 30.23
#